data_7XIV
#
_entry.id   7XIV
#
_cell.length_a   64.251
_cell.length_b   64.251
_cell.length_c   175.795
_cell.angle_alpha   90.000
_cell.angle_beta   90.000
_cell.angle_gamma   90.000
#
_symmetry.space_group_name_H-M   'P 43 21 2'
#
loop_
_entity.id
_entity.type
_entity.pdbx_description
1 polymer 'Nucleocapsid protein,Minor nucleoprotein VP30'
2 water water
#
_entity_poly.entity_id   1
_entity_poly.type   'polypeptide(L)'
_entity_poly.pdbx_seq_one_letter_code
;MAHPDEELLPPAPKYNTKTSEQEPGDWKQPTESLTLNRLCEIAQAWASMTWEDIDDKQLRALLTLSAVLVRKHSKSQLSA
LCENHVRREALAQDQASIVLEVYQKLHSDKGGKFEAALWQHWDRGSLTLFIHAALRAGTTIPCESSAIVVASIMSLLSNS
QNDSLEHHHHHH
;
_entity_poly.pdbx_strand_id   A,B
#
# COMPACT_ATOMS: atom_id res chain seq x y z
N LEU A 9 2.43 -23.83 -9.96
CA LEU A 9 1.11 -23.23 -9.91
C LEU A 9 0.13 -24.04 -9.04
N PRO A 10 -0.27 -23.48 -7.90
CA PRO A 10 -0.84 -24.30 -6.83
C PRO A 10 -2.32 -24.44 -6.94
N PRO A 11 -2.89 -25.52 -6.41
CA PRO A 11 -4.33 -25.74 -6.48
C PRO A 11 -5.12 -24.73 -5.65
N ALA A 12 -6.37 -24.56 -6.01
CA ALA A 12 -7.24 -23.68 -5.26
C ALA A 12 -7.48 -24.24 -3.85
N PRO A 13 -7.76 -23.37 -2.89
CA PRO A 13 -8.09 -23.84 -1.53
C PRO A 13 -9.31 -24.74 -1.55
N LYS A 14 -9.18 -25.90 -0.89
CA LYS A 14 -10.27 -26.85 -0.76
C LYS A 14 -10.99 -26.59 0.56
N TYR A 15 -12.31 -26.42 0.48
CA TYR A 15 -13.15 -26.26 1.66
C TYR A 15 -13.71 -27.61 2.09
N THR A 31 -10.27 -0.63 19.65
CA THR A 31 -10.81 0.03 18.48
C THR A 31 -9.71 0.83 17.79
N GLU A 32 -9.76 0.92 16.45
CA GLU A 32 -8.89 1.78 15.64
C GLU A 32 -7.50 1.19 15.45
N SER A 33 -7.27 0.53 14.33
CA SER A 33 -5.95 0.02 14.00
C SER A 33 -5.41 0.73 12.76
N LEU A 34 -4.14 0.48 12.47
CA LEU A 34 -3.47 1.16 11.36
C LEU A 34 -3.54 0.27 10.12
N THR A 35 -4.74 0.21 9.54
CA THR A 35 -4.94 -0.42 8.24
C THR A 35 -4.27 0.43 7.17
N LEU A 36 -4.13 -0.15 5.98
CA LEU A 36 -3.60 0.64 4.86
C LEU A 36 -4.46 1.88 4.64
N ASN A 37 -5.79 1.72 4.71
CA ASN A 37 -6.73 2.83 4.56
C ASN A 37 -6.46 3.93 5.56
N ARG A 38 -6.22 3.57 6.83
CA ARG A 38 -6.00 4.61 7.83
C ARG A 38 -4.60 5.23 7.70
N LEU A 39 -3.59 4.45 7.30
CA LEU A 39 -2.31 5.03 6.95
C LEU A 39 -2.50 6.16 5.94
N CYS A 40 -3.30 5.89 4.90
CA CYS A 40 -3.52 6.86 3.84
C CYS A 40 -4.33 8.05 4.32
N GLU A 41 -5.34 7.83 5.16
CA GLU A 41 -6.13 8.96 5.65
C GLU A 41 -5.31 9.85 6.56
N ILE A 42 -4.40 9.28 7.34
CA ILE A 42 -3.53 10.09 8.19
C ILE A 42 -2.56 10.88 7.36
N ALA A 43 -1.91 10.21 6.41
CA ALA A 43 -0.95 10.87 5.56
C ALA A 43 -1.61 12.00 4.80
N GLN A 44 -2.84 11.81 4.37
CA GLN A 44 -3.47 12.84 3.56
C GLN A 44 -4.02 13.97 4.43
N ALA A 45 -4.54 13.61 5.59
CA ALA A 45 -4.98 14.62 6.55
C ALA A 45 -3.83 15.55 6.93
N TRP A 46 -2.67 14.98 7.24
CA TRP A 46 -1.54 15.83 7.62
C TRP A 46 -0.94 16.54 6.41
N ALA A 47 -0.96 15.91 5.23
CA ALA A 47 -0.43 16.58 4.05
C ALA A 47 -1.22 17.83 3.73
N SER A 48 -2.53 17.83 4.00
CA SER A 48 -3.31 19.00 3.69
C SER A 48 -3.33 20.04 4.81
N MET A 49 -2.62 19.80 5.90
CA MET A 49 -2.55 20.79 6.97
C MET A 49 -1.32 21.69 6.80
N THR A 50 -1.34 22.82 7.51
CA THR A 50 -0.20 23.69 7.66
C THR A 50 0.45 23.39 9.01
N TRP A 51 1.78 23.30 9.05
CA TRP A 51 2.46 22.79 10.24
C TRP A 51 3.13 23.86 11.09
N GLU A 52 2.54 25.06 11.19
CA GLU A 52 3.18 26.18 11.93
C GLU A 52 3.26 25.97 13.59
N ASP A 53 2.81 24.84 14.13
CA ASP A 53 2.82 24.38 15.53
C ASP A 53 2.91 22.86 15.65
N ILE A 54 4.04 22.32 15.30
CA ILE A 54 4.29 20.90 15.58
C ILE A 54 5.60 20.81 16.34
N ASP A 55 5.63 19.95 17.34
CA ASP A 55 6.83 19.72 18.09
C ASP A 55 7.60 18.59 17.43
N ASP A 56 8.75 18.26 18.01
CA ASP A 56 9.58 17.23 17.41
C ASP A 56 8.98 15.83 17.54
N LYS A 57 8.06 15.60 18.48
CA LYS A 57 7.44 14.28 18.53
C LYS A 57 6.51 14.10 17.34
N GLN A 58 5.74 15.14 17.01
CA GLN A 58 4.91 15.09 15.82
C GLN A 58 5.76 15.00 14.55
N LEU A 59 6.89 15.71 14.49
CA LEU A 59 7.73 15.65 13.29
C LEU A 59 8.36 14.27 13.13
N ARG A 60 8.84 13.69 14.24
CA ARG A 60 9.43 12.36 14.19
C ARG A 60 8.41 11.35 13.68
N ALA A 61 7.19 11.41 14.21
CA ALA A 61 6.12 10.54 13.71
C ALA A 61 5.78 10.82 12.25
N LEU A 62 5.77 12.10 11.86
CA LEU A 62 5.51 12.44 10.46
C LEU A 62 6.58 11.86 9.56
N LEU A 63 7.84 11.89 10.01
CA LEU A 63 8.94 11.26 9.30
C LEU A 63 8.69 9.77 9.12
N THR A 64 8.29 9.06 10.20
CA THR A 64 8.05 7.62 10.05
C THR A 64 6.87 7.35 9.14
N LEU A 65 5.79 8.13 9.28
CA LEU A 65 4.65 8.03 8.37
C LEU A 65 5.09 8.20 6.91
N SER A 66 5.97 9.19 6.63
CA SER A 66 6.34 9.45 5.24
C SER A 66 7.25 8.37 4.68
N ALA A 67 8.14 7.81 5.50
CA ALA A 67 8.97 6.71 5.03
C ALA A 67 8.13 5.46 4.74
N VAL A 68 7.20 5.13 5.65
CA VAL A 68 6.30 4.00 5.40
C VAL A 68 5.47 4.26 4.14
N LEU A 69 4.96 5.48 4.01
CA LEU A 69 4.11 5.80 2.86
C LEU A 69 4.88 5.65 1.56
N VAL A 70 6.14 6.08 1.55
CA VAL A 70 6.98 5.84 0.38
C VAL A 70 7.07 4.35 0.10
N ARG A 71 7.31 3.56 1.15
CA ARG A 71 7.51 2.12 0.92
C ARG A 71 6.24 1.44 0.40
N LYS A 72 5.06 2.03 0.61
CA LYS A 72 3.87 1.44 0.01
C LYS A 72 3.80 1.62 -1.51
N HIS A 73 4.54 2.57 -2.09
CA HIS A 73 4.59 2.72 -3.54
C HIS A 73 5.59 1.75 -4.15
N SER A 74 5.28 1.29 -5.37
CA SER A 74 6.25 0.47 -6.08
C SER A 74 7.43 1.34 -6.48
N LYS A 75 8.59 0.70 -6.65
CA LYS A 75 9.75 1.54 -6.90
C LYS A 75 9.71 2.13 -8.31
N SER A 76 8.95 1.51 -9.23
CA SER A 76 8.77 2.10 -10.56
C SER A 76 8.24 3.51 -10.42
N GLN A 77 7.42 3.74 -9.39
CA GLN A 77 6.81 5.02 -9.10
C GLN A 77 7.67 5.93 -8.25
N LEU A 78 8.82 5.46 -7.77
CA LEU A 78 9.70 6.32 -6.99
C LEU A 78 9.96 7.62 -7.73
N SER A 79 10.39 7.53 -8.99
CA SER A 79 10.63 8.72 -9.79
C SER A 79 9.41 9.65 -9.78
N ALA A 80 8.21 9.06 -9.95
CA ALA A 80 6.99 9.86 -9.94
C ALA A 80 6.87 10.69 -8.68
N LEU A 81 7.08 10.07 -7.51
CA LEU A 81 6.99 10.84 -6.29
C LEU A 81 7.97 11.99 -6.36
N CYS A 82 9.22 11.65 -6.68
CA CYS A 82 10.26 12.67 -6.74
C CYS A 82 9.86 13.81 -7.63
N GLU A 83 9.37 13.49 -8.82
CA GLU A 83 9.14 14.65 -9.66
C GLU A 83 7.72 15.22 -9.54
N ASN A 84 6.86 14.65 -8.70
CA ASN A 84 5.82 15.49 -8.08
C ASN A 84 6.47 16.45 -7.08
N HIS A 85 7.36 15.91 -6.23
CA HIS A 85 8.02 16.68 -5.18
C HIS A 85 8.81 17.84 -5.74
N VAL A 86 9.55 17.59 -6.83
CA VAL A 86 10.38 18.65 -7.42
C VAL A 86 9.51 19.77 -7.96
N ARG A 87 8.34 19.42 -8.55
CA ARG A 87 7.55 20.45 -9.22
C ARG A 87 6.78 21.30 -8.21
N ARG A 88 6.14 20.65 -7.23
CA ARG A 88 5.41 21.40 -6.21
C ARG A 88 6.33 22.23 -5.33
N GLU A 89 7.61 21.86 -5.23
CA GLU A 89 8.52 22.63 -4.40
C GLU A 89 9.48 23.49 -5.21
N ALA A 90 9.48 23.38 -6.55
CA ALA A 90 10.33 24.19 -7.44
C ALA A 90 11.81 24.08 -7.07
N LEU A 91 12.31 22.85 -7.13
CA LEU A 91 13.68 22.56 -6.76
C LEU A 91 14.61 22.60 -7.98
N ALA A 92 15.83 23.08 -7.75
CA ALA A 92 16.90 23.05 -8.74
C ALA A 92 17.37 21.62 -8.93
N GLN A 93 18.13 21.39 -10.00
CA GLN A 93 18.64 20.04 -10.22
C GLN A 93 19.55 19.59 -9.09
N ASP A 94 20.25 20.55 -8.48
CA ASP A 94 20.92 20.43 -7.19
C ASP A 94 20.12 19.58 -6.19
N GLN A 95 18.97 20.10 -5.75
CA GLN A 95 18.17 19.32 -4.82
C GLN A 95 17.28 18.28 -5.44
N ALA A 96 16.92 18.42 -6.70
CA ALA A 96 16.15 17.35 -7.35
C ALA A 96 16.89 16.03 -7.21
N SER A 97 18.19 16.05 -7.53
CA SER A 97 19.04 14.85 -7.43
C SER A 97 19.02 14.27 -6.03
N ILE A 98 19.24 15.12 -5.02
CA ILE A 98 19.23 14.72 -3.62
C ILE A 98 17.87 14.13 -3.23
N VAL A 99 16.78 14.78 -3.64
CA VAL A 99 15.45 14.32 -3.28
C VAL A 99 15.19 12.92 -3.83
N LEU A 100 15.57 12.68 -5.08
CA LEU A 100 15.34 11.35 -5.63
C LEU A 100 16.15 10.31 -4.89
N GLU A 101 17.40 10.63 -4.55
CA GLU A 101 18.21 9.67 -3.79
C GLU A 101 17.59 9.41 -2.43
N VAL A 102 17.07 10.43 -1.76
CA VAL A 102 16.44 10.21 -0.45
C VAL A 102 15.22 9.28 -0.58
N TYR A 103 14.38 9.51 -1.59
CA TYR A 103 13.24 8.61 -1.81
C TYR A 103 13.71 7.18 -2.00
N GLN A 104 14.80 6.99 -2.77
CA GLN A 104 15.30 5.63 -3.01
C GLN A 104 15.87 5.00 -1.74
N LYS A 105 16.57 5.80 -0.91
CA LYS A 105 17.15 5.25 0.33
C LYS A 105 16.08 5.00 1.38
N LEU A 106 14.96 5.74 1.34
CA LEU A 106 13.83 5.43 2.21
C LEU A 106 13.05 4.23 1.70
N HIS A 107 12.95 4.07 0.38
CA HIS A 107 12.23 2.92 -0.14
C HIS A 107 12.97 1.63 0.18
N SER A 108 14.32 1.67 0.19
CA SER A 108 15.14 0.51 0.50
C SER A 108 15.45 0.38 2.00
N ASP A 109 14.98 1.31 2.82
CA ASP A 109 15.45 1.39 4.20
C ASP A 109 15.05 0.17 5.01
N LYS A 110 16.00 -0.30 5.82
CA LYS A 110 15.81 -1.46 6.68
C LYS A 110 16.16 -1.09 8.11
N GLY A 111 15.23 -1.39 9.03
CA GLY A 111 15.42 -1.07 10.43
C GLY A 111 15.50 0.40 10.74
N GLY A 112 15.00 1.25 9.84
CA GLY A 112 15.02 2.68 10.03
C GLY A 112 16.39 3.32 10.07
N LYS A 113 17.41 2.68 9.50
CA LYS A 113 18.77 3.23 9.59
C LYS A 113 18.86 4.58 8.91
N PHE A 114 18.52 4.63 7.62
CA PHE A 114 18.63 5.90 6.91
C PHE A 114 17.69 6.95 7.47
N GLU A 115 16.45 6.57 7.78
CA GLU A 115 15.49 7.48 8.40
C GLU A 115 16.09 8.12 9.65
N ALA A 116 16.67 7.29 10.52
CA ALA A 116 17.27 7.80 11.75
C ALA A 116 18.38 8.79 11.42
N ALA A 117 19.27 8.45 10.46
CA ALA A 117 20.32 9.39 10.04
C ALA A 117 19.72 10.73 9.58
N LEU A 118 18.70 10.69 8.71
CA LEU A 118 18.00 11.92 8.33
C LEU A 118 17.59 12.73 9.55
N TRP A 119 16.84 12.12 10.47
CA TRP A 119 16.35 12.84 11.63
C TRP A 119 17.50 13.49 12.40
N GLN A 120 18.57 12.75 12.66
CA GLN A 120 19.60 13.33 13.53
C GLN A 120 20.54 14.32 12.79
N HIS A 121 20.77 14.13 11.49
CA HIS A 121 21.82 14.91 10.83
C HIS A 121 21.31 16.04 9.94
N TRP A 122 20.20 15.89 9.25
CA TRP A 122 19.71 16.97 8.42
C TRP A 122 19.28 18.17 9.24
N ASP A 123 19.35 19.34 8.61
CA ASP A 123 18.76 20.52 9.20
C ASP A 123 17.27 20.24 9.44
N ARG A 124 16.80 20.47 10.66
CA ARG A 124 15.46 19.99 10.98
C ARG A 124 14.38 20.72 10.16
N GLY A 125 14.63 21.94 9.71
CA GLY A 125 13.66 22.69 8.93
C GLY A 125 13.58 22.23 7.48
N SER A 126 14.72 21.99 6.84
CA SER A 126 14.67 21.39 5.51
C SER A 126 14.08 19.98 5.57
N LEU A 127 14.34 19.25 6.66
CA LEU A 127 13.73 17.93 6.80
C LEU A 127 12.21 18.05 6.97
N THR A 128 11.74 19.08 7.68
CA THR A 128 10.32 19.37 7.74
C THR A 128 9.73 19.58 6.34
N LEU A 129 10.38 20.44 5.52
CA LEU A 129 9.87 20.68 4.17
C LEU A 129 9.83 19.41 3.34
N PHE A 130 10.87 18.58 3.47
CA PHE A 130 10.91 17.34 2.72
C PHE A 130 9.81 16.39 3.15
N ILE A 131 9.63 16.21 4.47
CA ILE A 131 8.59 15.31 4.96
C ILE A 131 7.24 15.75 4.42
N HIS A 132 6.95 17.05 4.53
CA HIS A 132 5.64 17.54 4.10
C HIS A 132 5.41 17.29 2.62
N ALA A 133 6.39 17.64 1.78
CA ALA A 133 6.22 17.42 0.35
C ALA A 133 6.12 15.94 0.03
N ALA A 134 6.76 15.09 0.84
CA ALA A 134 6.68 13.65 0.62
C ALA A 134 5.28 13.14 0.90
N LEU A 135 4.64 13.62 1.97
CA LEU A 135 3.25 13.25 2.21
C LEU A 135 2.34 13.76 1.12
N ARG A 136 2.60 14.97 0.59
CA ARG A 136 1.77 15.47 -0.50
C ARG A 136 1.95 14.61 -1.75
N ALA A 137 3.16 14.17 -2.02
CA ALA A 137 3.36 13.38 -3.23
C ALA A 137 2.81 11.96 -3.09
N GLY A 138 2.93 11.37 -1.88
CA GLY A 138 2.52 10.00 -1.71
C GLY A 138 1.01 9.82 -1.81
N THR A 139 0.26 10.79 -1.30
CA THR A 139 -1.18 10.80 -1.35
C THR A 139 -1.73 11.37 -2.64
N THR A 140 -0.88 11.66 -3.63
CA THR A 140 -1.35 12.43 -4.79
C THR A 140 -0.96 11.83 -6.13
N ILE A 141 0.17 11.14 -6.21
CA ILE A 141 0.53 10.44 -7.44
C ILE A 141 -0.32 9.18 -7.58
N PRO A 142 -0.49 8.66 -8.80
CA PRO A 142 -1.12 7.34 -8.94
C PRO A 142 -0.20 6.26 -8.37
N CYS A 143 -0.80 5.24 -7.77
CA CYS A 143 0.02 4.14 -7.26
C CYS A 143 0.35 3.08 -8.30
N GLU A 144 -0.24 3.17 -9.50
CA GLU A 144 -0.02 2.18 -10.55
C GLU A 144 0.20 2.94 -11.86
N SER A 145 1.33 2.69 -12.54
CA SER A 145 1.61 3.40 -13.78
C SER A 145 0.82 2.84 -14.96
N SER A 146 0.68 1.51 -15.07
CA SER A 146 0.03 0.90 -16.22
C SER A 146 -1.41 1.39 -16.38
N ALA A 147 -1.72 2.00 -17.52
CA ALA A 147 -3.05 2.57 -17.73
C ALA A 147 -4.12 1.49 -17.85
N ILE A 148 -3.76 0.28 -18.30
CA ILE A 148 -4.79 -0.73 -18.42
C ILE A 148 -5.17 -1.30 -17.06
N VAL A 149 -4.20 -1.41 -16.13
CA VAL A 149 -4.55 -1.70 -14.74
C VAL A 149 -5.34 -0.57 -14.12
N VAL A 150 -5.02 0.68 -14.45
CA VAL A 150 -5.71 1.81 -13.84
C VAL A 150 -7.17 1.84 -14.28
N ALA A 151 -7.42 1.64 -15.57
CA ALA A 151 -8.78 1.58 -16.09
C ALA A 151 -9.50 0.34 -15.59
N SER A 152 -8.78 -0.79 -15.53
CA SER A 152 -9.38 -2.03 -15.07
C SER A 152 -9.93 -1.87 -13.67
N ILE A 153 -9.09 -1.40 -12.74
CA ILE A 153 -9.56 -1.17 -11.37
C ILE A 153 -10.65 -0.12 -11.33
N MET A 154 -10.49 0.94 -12.12
CA MET A 154 -11.47 2.01 -12.02
C MET A 154 -12.79 1.69 -12.71
N SER A 155 -12.91 0.55 -13.40
CA SER A 155 -14.20 0.13 -13.94
C SER A 155 -15.16 -0.32 -12.85
N LEU A 156 -14.70 -0.43 -11.61
CA LEU A 156 -15.55 -0.91 -10.52
C LEU A 156 -16.23 0.31 -9.89
N LEU A 157 -17.14 0.87 -10.69
CA LEU A 157 -18.08 1.88 -10.25
C LEU A 157 -19.10 2.20 -11.37
N SER B 33 -7.11 10.11 -10.87
CA SER B 33 -6.44 8.84 -11.11
C SER B 33 -6.38 7.99 -9.84
N LEU B 34 -5.70 6.84 -9.95
CA LEU B 34 -5.71 5.82 -8.91
C LEU B 34 -4.59 6.09 -7.91
N THR B 35 -4.85 7.05 -7.01
CA THR B 35 -3.99 7.23 -5.86
C THR B 35 -4.16 6.05 -4.90
N LEU B 36 -3.23 5.97 -3.94
CA LEU B 36 -3.33 4.94 -2.91
C LEU B 36 -4.64 5.05 -2.14
N ASN B 37 -5.03 6.28 -1.80
CA ASN B 37 -6.25 6.51 -1.03
C ASN B 37 -7.46 5.97 -1.76
N ARG B 38 -7.59 6.27 -3.05
CA ARG B 38 -8.80 5.83 -3.75
C ARG B 38 -8.75 4.34 -4.07
N LEU B 39 -7.56 3.80 -4.33
CA LEU B 39 -7.41 2.35 -4.37
C LEU B 39 -8.01 1.73 -3.11
N CYS B 40 -7.73 2.31 -1.95
CA CYS B 40 -8.27 1.79 -0.69
C CYS B 40 -9.78 1.98 -0.58
N GLU B 41 -10.31 3.14 -0.99
CA GLU B 41 -11.75 3.34 -0.91
C GLU B 41 -12.50 2.36 -1.82
N ILE B 42 -11.91 2.04 -2.97
CA ILE B 42 -12.49 1.04 -3.85
C ILE B 42 -12.46 -0.33 -3.20
N ALA B 43 -11.28 -0.76 -2.72
CA ALA B 43 -11.14 -2.09 -2.13
C ALA B 43 -12.07 -2.26 -0.92
N GLN B 44 -12.26 -1.19 -0.14
CA GLN B 44 -13.08 -1.26 1.06
C GLN B 44 -14.56 -1.22 0.74
N ALA B 45 -14.94 -0.43 -0.25
CA ALA B 45 -16.33 -0.42 -0.72
C ALA B 45 -16.73 -1.81 -1.23
N TRP B 46 -15.86 -2.43 -2.03
CA TRP B 46 -16.20 -3.73 -2.59
C TRP B 46 -16.10 -4.87 -1.59
N ALA B 47 -15.15 -4.79 -0.65
CA ALA B 47 -15.06 -5.86 0.34
C ALA B 47 -16.32 -5.95 1.18
N SER B 48 -16.95 -4.81 1.47
CA SER B 48 -18.11 -4.81 2.35
C SER B 48 -19.44 -4.99 1.63
N MET B 49 -19.43 -5.17 0.32
CA MET B 49 -20.67 -5.47 -0.39
C MET B 49 -20.76 -6.96 -0.74
N THR B 50 -21.95 -7.39 -1.13
CA THR B 50 -22.20 -8.76 -1.55
C THR B 50 -22.13 -8.91 -3.06
N TRP B 51 -21.46 -9.97 -3.52
CA TRP B 51 -21.20 -10.16 -4.95
C TRP B 51 -22.10 -11.25 -5.54
N GLU B 52 -23.29 -11.41 -4.99
CA GLU B 52 -24.23 -12.42 -5.43
C GLU B 52 -24.79 -12.11 -6.80
N ASP B 53 -24.38 -11.01 -7.43
CA ASP B 53 -24.96 -10.58 -8.68
C ASP B 53 -23.94 -9.77 -9.46
N ILE B 54 -22.80 -10.38 -9.77
CA ILE B 54 -21.74 -9.72 -10.52
C ILE B 54 -21.33 -10.61 -11.69
N ASP B 55 -21.06 -10.00 -12.83
CA ASP B 55 -20.67 -10.74 -14.02
C ASP B 55 -19.16 -10.98 -14.01
N ASP B 56 -18.68 -11.68 -15.03
CA ASP B 56 -17.26 -12.00 -15.06
C ASP B 56 -16.41 -10.78 -15.35
N LYS B 57 -17.01 -9.73 -15.91
CA LYS B 57 -16.27 -8.50 -16.22
C LYS B 57 -15.87 -7.81 -14.90
N GLN B 58 -16.83 -7.71 -13.98
CA GLN B 58 -16.56 -7.13 -12.66
C GLN B 58 -15.58 -7.97 -11.88
N LEU B 59 -15.74 -9.30 -11.96
CA LEU B 59 -14.85 -10.20 -11.23
C LEU B 59 -13.42 -10.09 -11.71
N ARG B 60 -13.24 -10.01 -13.03
CA ARG B 60 -11.88 -9.89 -13.56
C ARG B 60 -11.23 -8.59 -13.08
N ALA B 61 -12.00 -7.49 -13.09
CA ALA B 61 -11.42 -6.27 -12.52
C ALA B 61 -11.12 -6.43 -11.03
N LEU B 62 -12.00 -7.12 -10.28
CA LEU B 62 -11.78 -7.31 -8.85
C LEU B 62 -10.52 -8.11 -8.58
N LEU B 63 -10.26 -9.16 -9.36
CA LEU B 63 -9.00 -9.87 -9.23
C LEU B 63 -7.82 -8.91 -9.41
N THR B 64 -7.90 -8.03 -10.42
CA THR B 64 -6.77 -7.12 -10.58
C THR B 64 -6.62 -6.18 -9.38
N LEU B 65 -7.74 -5.65 -8.88
CA LEU B 65 -7.71 -4.80 -7.69
C LEU B 65 -7.02 -5.49 -6.53
N SER B 66 -7.34 -6.77 -6.32
CA SER B 66 -6.76 -7.48 -5.19
C SER B 66 -5.28 -7.77 -5.39
N ALA B 67 -4.84 -8.02 -6.63
CA ALA B 67 -3.40 -8.18 -6.85
C ALA B 67 -2.64 -6.89 -6.56
N VAL B 68 -3.16 -5.76 -7.04
CA VAL B 68 -2.53 -4.48 -6.76
C VAL B 68 -2.47 -4.24 -5.26
N LEU B 69 -3.60 -4.49 -4.57
CA LEU B 69 -3.70 -4.21 -3.14
C LEU B 69 -2.77 -5.09 -2.34
N VAL B 70 -2.66 -6.38 -2.68
CA VAL B 70 -1.64 -7.23 -2.06
C VAL B 70 -0.26 -6.60 -2.24
N ARG B 71 0.02 -6.12 -3.47
CA ARG B 71 1.35 -5.55 -3.71
C ARG B 71 1.59 -4.30 -2.88
N LYS B 72 0.53 -3.65 -2.37
CA LYS B 72 0.74 -2.49 -1.52
C LYS B 72 1.23 -2.83 -0.11
N HIS B 73 1.05 -4.07 0.35
CA HIS B 73 1.55 -4.46 1.66
C HIS B 73 3.01 -4.87 1.59
N SER B 74 3.72 -4.63 2.70
CA SER B 74 5.09 -5.11 2.81
C SER B 74 5.11 -6.62 2.82
N LYS B 75 6.25 -7.19 2.44
CA LYS B 75 6.32 -8.63 2.22
C LYS B 75 6.22 -9.39 3.53
N SER B 76 6.73 -8.80 4.62
CA SER B 76 6.64 -9.39 5.95
C SER B 76 5.18 -9.59 6.41
N GLN B 77 4.27 -8.74 5.94
CA GLN B 77 2.86 -8.85 6.30
C GLN B 77 2.09 -9.88 5.47
N LEU B 78 2.73 -10.49 4.46
CA LEU B 78 2.05 -11.51 3.68
C LEU B 78 1.40 -12.56 4.57
N SER B 79 2.18 -13.09 5.52
CA SER B 79 1.68 -14.08 6.45
C SER B 79 0.44 -13.57 7.20
N ALA B 80 0.46 -12.31 7.63
CA ALA B 80 -0.71 -11.73 8.29
C ALA B 80 -1.93 -11.87 7.39
N LEU B 81 -1.81 -11.50 6.11
CA LEU B 81 -2.93 -11.66 5.20
C LEU B 81 -3.36 -13.11 5.20
N CYS B 82 -2.39 -14.01 5.01
CA CYS B 82 -2.67 -15.43 4.98
C CYS B 82 -3.47 -15.84 6.21
N GLU B 83 -3.09 -15.36 7.39
CA GLU B 83 -3.73 -15.96 8.54
C GLU B 83 -5.13 -15.40 8.69
N ASN B 84 -5.30 -14.13 8.34
CA ASN B 84 -6.64 -13.55 8.32
C ASN B 84 -7.49 -14.33 7.33
N HIS B 85 -6.94 -14.55 6.14
CA HIS B 85 -7.66 -15.23 5.08
C HIS B 85 -8.08 -16.61 5.54
N VAL B 86 -7.18 -17.33 6.21
CA VAL B 86 -7.54 -18.68 6.63
C VAL B 86 -8.58 -18.63 7.73
N ARG B 87 -8.41 -17.72 8.67
CA ARG B 87 -9.23 -17.79 9.85
C ARG B 87 -10.65 -17.35 9.52
N ARG B 88 -10.79 -16.27 8.76
CA ARG B 88 -12.12 -15.80 8.38
C ARG B 88 -12.83 -16.79 7.46
N GLU B 89 -12.10 -17.71 6.84
CA GLU B 89 -12.73 -18.64 5.90
C GLU B 89 -12.96 -20.00 6.51
N ALA B 90 -12.51 -20.21 7.74
CA ALA B 90 -12.61 -21.49 8.44
C ALA B 90 -12.00 -22.60 7.59
N LEU B 91 -10.78 -22.32 7.10
CA LEU B 91 -9.97 -23.23 6.29
C LEU B 91 -9.03 -24.02 7.17
N ALA B 92 -8.79 -25.27 6.79
CA ALA B 92 -7.84 -26.08 7.54
C ALA B 92 -6.43 -25.52 7.37
N GLN B 93 -5.57 -25.87 8.32
CA GLN B 93 -4.17 -25.44 8.24
C GLN B 93 -3.46 -26.12 7.06
N ASP B 94 -3.92 -27.30 6.65
CA ASP B 94 -3.65 -27.94 5.37
C ASP B 94 -3.49 -26.92 4.27
N GLN B 95 -4.51 -26.08 4.10
CA GLN B 95 -4.58 -25.12 3.02
C GLN B 95 -3.77 -23.84 3.26
N ALA B 96 -3.39 -23.57 4.50
CA ALA B 96 -2.70 -22.31 4.82
C ALA B 96 -1.51 -22.08 3.89
N SER B 97 -0.62 -23.08 3.75
CA SER B 97 0.54 -22.94 2.89
C SER B 97 0.13 -22.52 1.48
N ILE B 98 -0.87 -23.22 0.92
CA ILE B 98 -1.36 -22.90 -0.42
C ILE B 98 -1.78 -21.44 -0.49
N VAL B 99 -2.54 -20.98 0.51
CA VAL B 99 -3.01 -19.60 0.52
C VAL B 99 -1.82 -18.66 0.58
N LEU B 100 -0.84 -18.96 1.44
CA LEU B 100 0.29 -18.07 1.54
C LEU B 100 1.02 -18.03 0.21
N GLU B 101 1.11 -19.18 -0.47
CA GLU B 101 1.78 -19.20 -1.77
C GLU B 101 1.11 -18.24 -2.72
N VAL B 102 -0.22 -18.25 -2.76
CA VAL B 102 -0.90 -17.36 -3.69
C VAL B 102 -0.55 -15.93 -3.36
N TYR B 103 -0.60 -15.58 -2.06
CA TYR B 103 -0.28 -14.21 -1.70
C TYR B 103 1.12 -13.85 -2.17
N GLN B 104 2.10 -14.74 -1.96
CA GLN B 104 3.46 -14.40 -2.33
C GLN B 104 3.56 -14.24 -3.83
N LYS B 105 2.88 -15.11 -4.59
CA LYS B 105 3.00 -15.04 -6.04
C LYS B 105 2.23 -13.84 -6.57
N LEU B 106 1.21 -13.39 -5.85
CA LEU B 106 0.60 -12.14 -6.28
C LEU B 106 1.50 -10.97 -5.92
N HIS B 107 2.22 -11.10 -4.80
CA HIS B 107 3.08 -10.02 -4.35
C HIS B 107 4.30 -9.83 -5.28
N SER B 108 4.76 -10.92 -5.93
CA SER B 108 5.90 -10.99 -6.84
C SER B 108 5.52 -10.57 -8.24
N ASP B 109 4.24 -10.47 -8.53
CA ASP B 109 3.83 -10.50 -9.92
C ASP B 109 4.22 -9.23 -10.69
N LYS B 110 4.77 -9.47 -11.88
CA LYS B 110 5.10 -8.54 -12.96
C LYS B 110 4.44 -8.94 -14.25
N GLY B 111 3.79 -7.95 -14.83
CA GLY B 111 3.03 -8.05 -16.03
C GLY B 111 1.75 -8.83 -15.89
N GLY B 112 1.24 -8.99 -14.67
CA GLY B 112 -0.02 -9.71 -14.48
C GLY B 112 0.06 -11.15 -14.93
N LYS B 113 1.28 -11.69 -14.98
CA LYS B 113 1.52 -13.02 -15.51
C LYS B 113 0.83 -14.08 -14.66
N PHE B 114 1.21 -14.15 -13.38
CA PHE B 114 0.60 -15.12 -12.47
C PHE B 114 -0.88 -14.83 -12.26
N GLU B 115 -1.23 -13.55 -12.15
CA GLU B 115 -2.63 -13.16 -12.04
C GLU B 115 -3.46 -13.76 -13.16
N ALA B 116 -2.96 -13.65 -14.39
CA ALA B 116 -3.64 -14.22 -15.56
C ALA B 116 -3.75 -15.74 -15.44
N ALA B 117 -2.62 -16.41 -15.13
CA ALA B 117 -2.64 -17.86 -14.98
C ALA B 117 -3.69 -18.29 -13.96
N LEU B 118 -3.64 -17.70 -12.77
CA LEU B 118 -4.64 -17.94 -11.72
C LEU B 118 -6.05 -17.79 -12.26
N TRP B 119 -6.33 -16.65 -12.87
CA TRP B 119 -7.66 -16.36 -13.41
C TRP B 119 -8.19 -17.49 -14.29
N GLN B 120 -7.38 -17.93 -15.25
CA GLN B 120 -7.94 -18.89 -16.20
C GLN B 120 -7.89 -20.34 -15.70
N HIS B 121 -7.06 -20.62 -14.70
CA HIS B 121 -6.81 -21.96 -14.19
C HIS B 121 -7.79 -22.33 -13.08
N TRP B 122 -7.95 -21.44 -12.12
CA TRP B 122 -8.90 -21.68 -11.04
C TRP B 122 -10.33 -21.48 -11.57
N ASP B 123 -11.25 -22.28 -11.05
CA ASP B 123 -12.68 -22.14 -11.30
C ASP B 123 -13.21 -20.82 -10.72
N ARG B 124 -14.40 -20.44 -11.18
CA ARG B 124 -14.97 -19.15 -10.79
C ARG B 124 -15.25 -19.06 -9.29
N GLY B 125 -15.59 -20.18 -8.64
CA GLY B 125 -15.99 -20.10 -7.25
C GLY B 125 -14.85 -19.96 -6.29
N SER B 126 -13.82 -20.80 -6.49
CA SER B 126 -12.60 -20.71 -5.69
C SER B 126 -11.97 -19.33 -5.83
N LEU B 127 -12.02 -18.80 -7.05
CA LEU B 127 -11.45 -17.49 -7.33
C LEU B 127 -12.28 -16.36 -6.71
N THR B 128 -13.60 -16.46 -6.79
CA THR B 128 -14.46 -15.47 -6.13
C THR B 128 -14.19 -15.42 -4.62
N LEU B 129 -14.23 -16.58 -3.96
CA LEU B 129 -14.02 -16.61 -2.51
C LEU B 129 -12.64 -16.07 -2.14
N PHE B 130 -11.60 -16.45 -2.89
CA PHE B 130 -10.26 -15.99 -2.53
C PHE B 130 -10.11 -14.48 -2.74
N ILE B 131 -10.57 -13.96 -3.87
CA ILE B 131 -10.52 -12.53 -4.11
C ILE B 131 -11.28 -11.76 -3.02
N HIS B 132 -12.49 -12.22 -2.69
CA HIS B 132 -13.30 -11.50 -1.69
C HIS B 132 -12.61 -11.51 -0.32
N ALA B 133 -12.09 -12.66 0.07
CA ALA B 133 -11.36 -12.72 1.33
C ALA B 133 -10.11 -11.87 1.27
N ALA B 134 -9.52 -11.72 0.08
CA ALA B 134 -8.33 -10.89 -0.09
C ALA B 134 -8.64 -9.41 0.08
N LEU B 135 -9.79 -8.96 -0.44
CA LEU B 135 -10.22 -7.59 -0.21
C LEU B 135 -10.58 -7.33 1.26
N ARG B 136 -11.20 -8.29 1.94
CA ARG B 136 -11.46 -8.11 3.38
C ARG B 136 -10.16 -8.06 4.16
N ALA B 137 -9.25 -8.98 3.88
CA ALA B 137 -8.02 -9.02 4.65
C ALA B 137 -7.06 -7.88 4.28
N GLY B 138 -7.01 -7.47 3.01
CA GLY B 138 -6.06 -6.45 2.61
C GLY B 138 -6.37 -5.09 3.21
N THR B 139 -7.65 -4.74 3.28
CA THR B 139 -8.11 -3.47 3.83
C THR B 139 -8.25 -3.46 5.35
N THR B 140 -7.88 -4.55 6.05
CA THR B 140 -8.24 -4.62 7.46
C THR B 140 -7.10 -5.05 8.39
N ILE B 141 -6.12 -5.77 7.88
CA ILE B 141 -4.94 -6.10 8.69
C ILE B 141 -4.16 -4.81 8.89
N PRO B 142 -3.35 -4.70 9.95
CA PRO B 142 -2.42 -3.57 10.03
C PRO B 142 -1.38 -3.69 8.91
N CYS B 143 -1.01 -2.56 8.32
CA CYS B 143 -0.02 -2.63 7.23
C CYS B 143 1.41 -2.70 7.73
N GLU B 144 1.62 -2.57 9.04
CA GLU B 144 2.94 -2.50 9.66
C GLU B 144 2.97 -3.44 10.86
N SER B 145 3.97 -4.33 10.90
CA SER B 145 4.09 -5.30 11.99
C SER B 145 4.65 -4.69 13.28
N SER B 146 5.62 -3.80 13.18
CA SER B 146 6.25 -3.17 14.35
C SER B 146 5.29 -2.34 15.19
N ALA B 147 5.20 -2.66 16.49
CA ALA B 147 4.36 -1.91 17.41
C ALA B 147 4.85 -0.48 17.64
N ILE B 148 6.16 -0.26 17.52
CA ILE B 148 6.70 1.09 17.74
C ILE B 148 6.43 1.99 16.54
N VAL B 149 6.53 1.44 15.33
CA VAL B 149 6.13 2.19 14.15
C VAL B 149 4.64 2.49 14.19
N VAL B 150 3.85 1.50 14.68
CA VAL B 150 2.39 1.65 14.73
C VAL B 150 2.01 2.74 15.73
N ALA B 151 2.60 2.70 16.93
CA ALA B 151 2.28 3.70 17.93
C ALA B 151 2.68 5.08 17.46
N SER B 152 3.87 5.18 16.85
CA SER B 152 4.35 6.45 16.33
C SER B 152 3.38 7.04 15.31
N ILE B 153 3.04 6.27 14.27
CA ILE B 153 2.09 6.79 13.28
C ILE B 153 0.74 7.12 13.91
N MET B 154 0.28 6.28 14.84
CA MET B 154 -1.05 6.52 15.40
C MET B 154 -1.07 7.67 16.39
N SER B 155 0.08 8.25 16.75
CA SER B 155 0.06 9.46 17.57
C SER B 155 -0.48 10.68 16.82
N LEU B 156 -0.69 10.57 15.51
CA LEU B 156 -1.18 11.65 14.67
C LEU B 156 -2.66 11.59 14.34
N LEU B 157 -3.45 10.73 14.99
CA LEU B 157 -4.86 10.62 14.61
C LEU B 157 -5.83 11.69 15.16
#